data_2ZKC
#
_entry.id   2ZKC
#
_cell.length_a   63.839
_cell.length_b   63.839
_cell.length_c   135.894
_cell.angle_alpha   90.00
_cell.angle_beta   90.00
_cell.angle_gamma   90.00
#
_symmetry.space_group_name_H-M   'P 41 21 2'
#
loop_
_entity.id
_entity.type
_entity.pdbx_description
1 polymer 'Estrogen-related receptor gamma'
2 non-polymer "4,4'-cyclohexane-1,1-diyldiphenol"
3 non-polymer GLYCEROL
4 water water
#
_entity_poly.entity_id   1
_entity_poly.type   'polypeptide(L)'
_entity_poly.pdbx_seq_one_letter_code
;LGSPEFLNPQLVQPAKKPYNKIVSHLLVAEPEKIYAMPDPTVPDSDIKALTTLCDLADRELVVIIGWAKHIPGFSTLSLA
DQMSLLQSAWMEILILGVVYRSLSFEDELVYADDYIMDEDQSKLAGLLDLNNAILQLVKKYKSMKLEKEEFVTLKAIALA
NSDSMHIEDVEAVQKLQDVLHEALQDYEAGQHMEDPRRAGKMLMTLPLLRQTSTKAVQHFYNIKLEGKVPMHKLFLEMLE
AKVC
;
_entity_poly.pdbx_strand_id   A
#
# COMPACT_ATOMS: atom_id res chain seq x y z
N LYS A 17 19.05 12.36 18.43
CA LYS A 17 19.79 12.23 17.14
C LYS A 17 19.98 10.77 16.63
N PRO A 18 19.60 9.75 17.44
CA PRO A 18 19.30 8.46 16.80
C PRO A 18 17.88 8.54 16.21
N TYR A 19 17.58 7.74 15.18
CA TYR A 19 16.51 8.15 14.25
C TYR A 19 15.09 8.32 14.77
N ASN A 20 14.44 9.29 14.14
CA ASN A 20 13.03 9.66 14.23
C ASN A 20 12.05 8.70 14.92
N LYS A 21 11.31 9.22 15.91
CA LYS A 21 10.40 8.38 16.69
CA LYS A 21 10.39 8.38 16.69
C LYS A 21 9.20 7.88 15.89
N ILE A 22 8.69 8.72 14.98
CA ILE A 22 7.55 8.28 14.19
C ILE A 22 7.96 7.06 13.36
N VAL A 23 9.15 7.10 12.79
CA VAL A 23 9.65 5.99 11.99
C VAL A 23 9.76 4.74 12.88
N SER A 24 10.37 4.90 14.06
CA SER A 24 10.53 3.80 15.03
CA SER A 24 10.55 3.75 14.95
C SER A 24 9.19 3.18 15.38
N HIS A 25 8.22 4.06 15.62
CA HIS A 25 6.87 3.69 16.00
C HIS A 25 6.19 2.92 14.86
N LEU A 26 6.29 3.46 13.64
CA LEU A 26 5.68 2.73 12.51
C LEU A 26 6.31 1.35 12.32
N LEU A 27 7.62 1.23 12.56
CA LEU A 27 8.26 -0.08 12.47
C LEU A 27 7.67 -1.06 13.44
N VAL A 28 7.46 -0.66 14.69
CA VAL A 28 6.91 -1.63 15.66
C VAL A 28 5.43 -1.92 15.45
N ALA A 29 4.73 -1.01 14.79
CA ALA A 29 3.31 -1.13 14.49
C ALA A 29 3.06 -2.01 13.24
N GLU A 30 4.13 -2.38 12.55
CA GLU A 30 4.04 -3.15 11.30
C GLU A 30 3.33 -4.46 11.58
N PRO A 31 2.23 -4.74 10.85
CA PRO A 31 1.52 -6.02 11.03
C PRO A 31 2.35 -7.24 10.64
N GLU A 32 2.02 -8.37 11.27
CA GLU A 32 2.61 -9.65 10.88
C GLU A 32 2.10 -10.00 9.48
N LYS A 33 2.89 -10.76 8.74
CA LYS A 33 2.46 -11.20 7.42
C LYS A 33 1.30 -12.20 7.50
N ILE A 34 0.50 -12.25 6.44
CA ILE A 34 -0.70 -13.09 6.30
CA ILE A 34 -0.56 -13.24 6.41
C ILE A 34 -0.44 -14.12 5.19
N TYR A 35 -1.05 -15.29 5.27
CA TYR A 35 -0.93 -16.28 4.19
C TYR A 35 -2.10 -16.20 3.25
N ALA A 36 -1.86 -16.51 1.97
CA ALA A 36 -2.93 -16.47 0.98
C ALA A 36 -3.82 -17.71 1.05
N MET A 37 -3.19 -18.85 1.35
CA MET A 37 -3.94 -20.10 1.49
CA MET A 37 -3.87 -20.15 1.45
C MET A 37 -4.81 -20.40 0.25
N PRO A 38 -4.20 -20.51 -0.95
CA PRO A 38 -5.02 -20.93 -2.09
C PRO A 38 -5.61 -22.32 -1.78
N ASP A 39 -6.86 -22.55 -2.16
CA ASP A 39 -7.56 -23.82 -1.84
C ASP A 39 -6.87 -24.97 -2.62
N PRO A 40 -6.22 -25.93 -1.92
CA PRO A 40 -5.45 -26.96 -2.62
C PRO A 40 -6.35 -28.00 -3.31
N THR A 41 -7.66 -27.93 -3.08
CA THR A 41 -8.61 -28.87 -3.69
C THR A 41 -9.17 -28.32 -5.02
N VAL A 42 -8.87 -27.06 -5.31
CA VAL A 42 -9.49 -26.37 -6.45
C VAL A 42 -8.51 -26.39 -7.62
N PRO A 43 -8.97 -26.74 -8.83
CA PRO A 43 -8.04 -26.70 -9.95
C PRO A 43 -7.53 -25.27 -10.24
N ASP A 44 -6.27 -25.13 -10.61
CA ASP A 44 -5.72 -23.83 -11.00
C ASP A 44 -6.49 -23.28 -12.20
N SER A 45 -6.83 -21.99 -12.13
CA SER A 45 -7.53 -21.27 -13.18
C SER A 45 -7.40 -19.79 -12.91
N ASP A 46 -7.77 -18.97 -13.89
CA ASP A 46 -7.87 -17.53 -13.63
C ASP A 46 -8.83 -17.22 -12.49
N ILE A 47 -9.96 -17.92 -12.44
CA ILE A 47 -10.94 -17.72 -11.38
C ILE A 47 -10.33 -18.05 -9.99
N LYS A 48 -9.62 -19.16 -9.88
CA LYS A 48 -8.95 -19.52 -8.62
C LYS A 48 -7.95 -18.43 -8.21
N ALA A 49 -7.15 -17.97 -9.16
CA ALA A 49 -6.11 -17.00 -8.85
C ALA A 49 -6.75 -15.69 -8.38
N LEU A 50 -7.74 -15.20 -9.13
CA LEU A 50 -8.41 -13.96 -8.75
C LEU A 50 -9.17 -14.09 -7.44
N THR A 51 -9.80 -15.25 -7.19
CA THR A 51 -10.53 -15.46 -5.95
C THR A 51 -9.55 -15.42 -4.77
N THR A 52 -8.42 -16.10 -4.93
CA THR A 52 -7.40 -16.19 -3.88
C THR A 52 -6.88 -14.78 -3.57
N LEU A 53 -6.62 -14.04 -4.63
CA LEU A 53 -6.10 -12.64 -4.48
C LEU A 53 -7.09 -11.70 -3.84
N CYS A 54 -8.36 -11.76 -4.25
CA CYS A 54 -9.38 -10.90 -3.63
C CYS A 54 -9.65 -11.29 -2.17
N ASP A 55 -9.55 -12.59 -1.88
CA ASP A 55 -9.72 -13.06 -0.51
C ASP A 55 -8.58 -12.54 0.35
N LEU A 56 -7.36 -12.61 -0.17
CA LEU A 56 -6.19 -12.12 0.55
C LEU A 56 -6.36 -10.62 0.78
N ALA A 57 -6.72 -9.88 -0.27
CA ALA A 57 -6.98 -8.42 -0.10
C ALA A 57 -8.02 -8.13 1.01
N ASP A 58 -9.11 -8.90 1.05
CA ASP A 58 -10.16 -8.67 2.03
C ASP A 58 -9.59 -8.75 3.45
N ARG A 59 -8.77 -9.78 3.68
CA ARG A 59 -8.15 -10.00 5.00
C ARG A 59 -7.09 -8.97 5.32
N GLU A 60 -6.34 -8.56 4.31
CA GLU A 60 -5.37 -7.48 4.50
C GLU A 60 -6.06 -6.17 4.82
N LEU A 61 -7.23 -5.92 4.25
CA LEU A 61 -7.97 -4.69 4.56
C LEU A 61 -8.28 -4.59 6.05
N VAL A 62 -8.63 -5.72 6.66
CA VAL A 62 -8.88 -5.72 8.12
C VAL A 62 -7.62 -5.32 8.89
N VAL A 63 -6.48 -5.86 8.49
CA VAL A 63 -5.19 -5.59 9.09
CA VAL A 63 -5.27 -5.54 9.21
C VAL A 63 -4.84 -4.09 8.97
N ILE A 64 -5.08 -3.58 7.76
CA ILE A 64 -4.75 -2.17 7.47
C ILE A 64 -5.56 -1.22 8.34
N ILE A 65 -6.85 -1.50 8.48
CA ILE A 65 -7.74 -0.70 9.33
C ILE A 65 -7.22 -0.69 10.76
N GLY A 66 -6.85 -1.87 11.29
CA GLY A 66 -6.20 -1.95 12.62
C GLY A 66 -4.87 -1.22 12.73
N TRP A 67 -4.07 -1.28 11.67
CA TRP A 67 -2.76 -0.67 11.65
C TRP A 67 -2.85 0.85 11.71
N ALA A 68 -3.82 1.43 10.99
CA ALA A 68 -3.89 2.89 10.84
C ALA A 68 -4.07 3.55 12.21
N LYS A 69 -4.62 2.83 13.16
N LYS A 69 -4.63 2.82 13.16
CA LYS A 69 -4.85 3.41 14.50
CA LYS A 69 -4.85 3.36 14.50
CA LYS A 69 -6.16 3.92 13.78
C LYS A 69 -3.57 3.71 15.30
C LYS A 69 -3.56 3.85 15.17
N HIS A 70 -2.44 3.21 14.81
CA HIS A 70 -1.16 3.47 15.40
C HIS A 70 -0.50 4.73 14.81
N ILE A 71 -1.03 5.22 13.70
CA ILE A 71 -0.43 6.39 13.08
C ILE A 71 -0.79 7.63 13.90
N PRO A 72 0.23 8.35 14.41
CA PRO A 72 -0.06 9.48 15.32
C PRO A 72 -1.04 10.47 14.72
N GLY A 73 -2.14 10.69 15.43
CA GLY A 73 -3.15 11.64 15.00
C GLY A 73 -4.32 11.03 14.26
N PHE A 74 -4.13 9.85 13.67
CA PHE A 74 -5.16 9.26 12.84
C PHE A 74 -6.51 9.00 13.56
N SER A 75 -6.44 8.42 14.76
CA SER A 75 -7.61 8.03 15.54
CA SER A 75 -7.65 8.05 15.51
C SER A 75 -8.37 9.24 16.12
N THR A 76 -7.73 10.40 16.10
CA THR A 76 -8.35 11.65 16.54
C THR A 76 -9.24 12.28 15.45
N LEU A 77 -9.10 11.81 14.20
CA LEU A 77 -9.97 12.27 13.12
C LEU A 77 -11.37 11.70 13.36
N SER A 78 -12.39 12.35 12.81
CA SER A 78 -13.72 11.78 12.82
C SER A 78 -13.70 10.40 12.17
N LEU A 79 -14.64 9.54 12.54
CA LEU A 79 -14.71 8.21 11.95
C LEU A 79 -14.96 8.33 10.46
N ALA A 80 -15.70 9.36 10.06
CA ALA A 80 -15.97 9.65 8.66
C ALA A 80 -14.66 9.90 7.90
N ASP A 81 -13.80 10.75 8.45
CA ASP A 81 -12.51 11.11 7.80
C ASP A 81 -11.54 9.92 7.80
N GLN A 82 -11.51 9.17 8.90
CA GLN A 82 -10.72 7.92 8.96
C GLN A 82 -11.12 7.00 7.81
N MET A 83 -12.43 6.78 7.66
CA MET A 83 -12.91 5.92 6.59
CA MET A 83 -12.94 5.93 6.58
CA MET A 83 -13.00 5.95 6.58
C MET A 83 -12.68 6.52 5.19
N SER A 84 -12.78 7.84 5.06
CA SER A 84 -12.54 8.49 3.77
C SER A 84 -11.08 8.23 3.32
N LEU A 85 -10.15 8.40 4.25
CA LEU A 85 -8.73 8.19 3.93
CA LEU A 85 -8.73 8.18 3.96
C LEU A 85 -8.49 6.73 3.56
N LEU A 86 -9.04 5.82 4.36
CA LEU A 86 -8.86 4.40 4.09
C LEU A 86 -9.47 4.01 2.75
N GLN A 87 -10.68 4.52 2.44
CA GLN A 87 -11.34 4.18 1.18
C GLN A 87 -10.62 4.69 -0.05
N SER A 88 -9.88 5.79 0.09
CA SER A 88 -9.11 6.31 -1.01
CA SER A 88 -9.10 6.31 -1.02
C SER A 88 -7.75 5.64 -1.16
N ALA A 89 -7.15 5.26 -0.03
CA ALA A 89 -5.73 4.80 -0.05
C ALA A 89 -5.52 3.30 -0.05
N TRP A 90 -6.58 2.51 0.20
CA TRP A 90 -6.35 1.09 0.50
C TRP A 90 -5.56 0.34 -0.58
N MET A 91 -5.87 0.60 -1.85
CA MET A 91 -5.19 -0.12 -2.93
C MET A 91 -3.70 0.24 -2.96
N GLU A 92 -3.38 1.53 -2.75
CA GLU A 92 -1.99 1.91 -2.72
CA GLU A 92 -1.98 1.93 -2.71
C GLU A 92 -1.24 1.22 -1.59
N ILE A 93 -1.89 1.12 -0.43
CA ILE A 93 -1.25 0.48 0.72
C ILE A 93 -1.04 -1.01 0.45
N LEU A 94 -2.05 -1.67 -0.13
CA LEU A 94 -1.89 -3.10 -0.48
C LEU A 94 -0.73 -3.25 -1.48
N ILE A 95 -0.70 -2.40 -2.51
CA ILE A 95 0.32 -2.54 -3.54
C ILE A 95 1.73 -2.26 -2.98
N LEU A 96 1.88 -1.25 -2.14
CA LEU A 96 3.19 -0.96 -1.59
C LEU A 96 3.69 -2.16 -0.76
N GLY A 97 2.77 -2.87 -0.11
CA GLY A 97 3.12 -4.12 0.60
C GLY A 97 3.71 -5.20 -0.30
N VAL A 98 2.99 -5.56 -1.38
N VAL A 98 2.99 -5.56 -1.37
CA VAL A 98 3.54 -6.59 -2.28
CA VAL A 98 3.51 -6.56 -2.29
C VAL A 98 4.84 -6.15 -2.97
C VAL A 98 4.88 -6.11 -2.81
N VAL A 99 4.96 -4.86 -3.27
CA VAL A 99 6.23 -4.30 -3.78
C VAL A 99 7.37 -4.51 -2.80
N TYR A 100 7.15 -4.15 -1.54
CA TYR A 100 8.19 -4.32 -0.52
C TYR A 100 8.57 -5.79 -0.36
N ARG A 101 7.56 -6.66 -0.33
CA ARG A 101 7.85 -8.08 -0.09
C ARG A 101 8.61 -8.68 -1.25
N SER A 102 8.57 -8.00 -2.40
CA SER A 102 9.13 -8.51 -3.63
C SER A 102 10.55 -8.01 -3.94
N LEU A 103 11.13 -7.17 -3.07
CA LEU A 103 12.38 -6.49 -3.39
C LEU A 103 13.57 -7.45 -3.59
N SER A 104 13.54 -8.58 -2.88
CA SER A 104 14.66 -9.53 -2.96
CA SER A 104 14.65 -9.55 -2.96
C SER A 104 14.44 -10.57 -4.06
N PHE A 105 13.37 -10.41 -4.84
CA PHE A 105 13.04 -11.36 -5.90
C PHE A 105 13.27 -10.73 -7.27
N GLU A 106 13.27 -11.56 -8.31
CA GLU A 106 13.46 -11.07 -9.67
C GLU A 106 12.28 -11.47 -10.54
N ASP A 107 11.55 -10.46 -11.04
CA ASP A 107 10.42 -10.65 -11.93
C ASP A 107 9.31 -11.52 -11.31
N GLU A 108 9.24 -11.53 -9.97
CA GLU A 108 8.20 -12.26 -9.27
C GLU A 108 7.58 -11.34 -8.22
N LEU A 109 6.27 -11.50 -8.00
CA LEU A 109 5.56 -10.71 -6.98
C LEU A 109 5.13 -11.56 -5.80
N VAL A 110 5.61 -11.18 -4.61
CA VAL A 110 5.35 -11.94 -3.38
C VAL A 110 4.07 -11.41 -2.70
N TYR A 111 2.92 -11.83 -3.22
CA TYR A 111 1.63 -11.46 -2.59
C TYR A 111 1.58 -11.99 -1.17
N ALA A 112 2.09 -13.21 -0.99
CA ALA A 112 2.24 -13.84 0.34
C ALA A 112 3.39 -14.85 0.22
N ASP A 113 3.89 -15.33 1.36
CA ASP A 113 4.98 -16.32 1.33
C ASP A 113 4.53 -17.56 0.56
N ASP A 114 3.24 -17.85 0.62
CA ASP A 114 2.66 -19.03 -0.05
C ASP A 114 1.95 -18.64 -1.36
N TYR A 115 2.23 -17.44 -1.88
CA TYR A 115 1.59 -17.00 -3.12
C TYR A 115 2.48 -16.01 -3.88
N ILE A 116 3.36 -16.56 -4.70
CA ILE A 116 4.36 -15.78 -5.41
C ILE A 116 4.08 -15.93 -6.90
N MET A 117 3.77 -14.82 -7.57
CA MET A 117 3.40 -14.84 -8.99
C MET A 117 4.55 -14.49 -9.93
N ASP A 118 4.87 -15.40 -10.84
CA ASP A 118 5.79 -15.09 -11.93
C ASP A 118 5.00 -14.61 -13.15
N GLU A 119 5.71 -14.23 -14.20
CA GLU A 119 5.10 -13.68 -15.42
CA GLU A 119 5.08 -13.65 -15.38
C GLU A 119 4.05 -14.60 -16.03
N ASP A 120 4.37 -15.88 -16.10
CA ASP A 120 3.42 -16.85 -16.61
C ASP A 120 2.11 -16.88 -15.81
N GLN A 121 2.20 -16.87 -14.47
CA GLN A 121 0.98 -16.92 -13.67
C GLN A 121 0.18 -15.64 -13.79
N SER A 122 0.86 -14.50 -13.95
CA SER A 122 0.15 -13.25 -14.16
C SER A 122 -0.67 -13.31 -15.44
N LYS A 123 -0.09 -13.91 -16.48
CA LYS A 123 -0.76 -14.02 -17.78
C LYS A 123 -2.02 -14.85 -17.62
N LEU A 124 -1.85 -16.00 -16.96
CA LEU A 124 -2.97 -16.90 -16.71
C LEU A 124 -4.10 -16.23 -15.94
N ALA A 125 -3.77 -15.30 -15.05
CA ALA A 125 -4.80 -14.61 -14.25
C ALA A 125 -5.38 -13.35 -14.93
N GLY A 126 -4.85 -13.02 -16.11
CA GLY A 126 -5.23 -11.80 -16.79
C GLY A 126 -4.63 -10.54 -16.17
N LEU A 127 -3.54 -10.68 -15.44
CA LEU A 127 -2.93 -9.55 -14.73
C LEU A 127 -1.55 -9.16 -15.25
N LEU A 128 -1.18 -9.58 -16.46
CA LEU A 128 0.18 -9.34 -16.96
C LEU A 128 0.54 -7.86 -16.96
N ASP A 129 -0.36 -7.03 -17.50
CA ASP A 129 -0.11 -5.59 -17.61
C ASP A 129 -0.06 -4.90 -16.24
N LEU A 130 -1.00 -5.28 -15.38
CA LEU A 130 -1.08 -4.70 -14.05
C LEU A 130 0.13 -5.12 -13.24
N ASN A 131 0.41 -6.42 -13.22
CA ASN A 131 1.59 -6.91 -12.51
C ASN A 131 2.90 -6.36 -13.08
N ASN A 132 2.95 -6.09 -14.38
CA ASN A 132 4.17 -5.49 -14.90
C ASN A 132 4.40 -4.07 -14.35
N ALA A 133 3.32 -3.31 -14.14
CA ALA A 133 3.44 -1.99 -13.52
C ALA A 133 3.92 -2.13 -12.08
N ILE A 134 3.37 -3.10 -11.35
CA ILE A 134 3.87 -3.35 -10.01
C ILE A 134 5.36 -3.69 -10.05
N LEU A 135 5.78 -4.51 -11.02
CA LEU A 135 7.21 -4.81 -11.16
C LEU A 135 8.09 -3.58 -11.48
N GLN A 136 7.50 -2.60 -12.16
CA GLN A 136 8.17 -1.34 -12.43
C GLN A 136 8.41 -0.61 -11.11
N LEU A 137 7.39 -0.59 -10.22
CA LEU A 137 7.57 -0.02 -8.89
C LEU A 137 8.69 -0.75 -8.14
N VAL A 138 8.72 -2.08 -8.24
CA VAL A 138 9.74 -2.88 -7.56
C VAL A 138 11.12 -2.48 -8.07
N LYS A 139 11.26 -2.37 -9.39
CA LYS A 139 12.55 -2.12 -10.02
C LYS A 139 13.10 -0.78 -9.53
N LYS A 140 12.21 0.22 -9.49
CA LYS A 140 12.64 1.53 -9.03
C LYS A 140 13.09 1.49 -7.58
N TYR A 141 12.30 0.86 -6.71
CA TYR A 141 12.71 0.75 -5.31
C TYR A 141 13.97 -0.07 -5.07
N LYS A 142 14.20 -1.10 -5.87
CA LYS A 142 15.45 -1.88 -5.80
C LYS A 142 16.66 -0.98 -6.09
N SER A 143 16.53 -0.16 -7.14
CA SER A 143 17.59 0.78 -7.53
CA SER A 143 17.61 0.75 -7.52
CA SER A 143 17.60 0.78 -7.53
C SER A 143 17.90 1.75 -6.40
N MET A 144 16.85 2.21 -5.72
CA MET A 144 16.95 3.14 -4.64
C MET A 144 17.33 2.49 -3.32
N LYS A 145 17.35 1.16 -3.27
CA LYS A 145 17.62 0.43 -2.02
C LYS A 145 16.65 0.85 -0.93
N LEU A 146 15.35 0.81 -1.26
CA LEU A 146 14.30 1.14 -0.28
C LEU A 146 14.50 0.32 1.01
N GLU A 147 14.46 1.02 2.13
CA GLU A 147 14.60 0.40 3.46
C GLU A 147 13.24 0.18 4.10
N LYS A 148 13.18 -0.72 5.09
CA LYS A 148 11.92 -0.94 5.78
C LYS A 148 11.39 0.34 6.42
N GLU A 149 12.30 1.14 6.99
CA GLU A 149 11.98 2.43 7.62
C GLU A 149 11.28 3.35 6.64
N GLU A 150 11.77 3.32 5.40
CA GLU A 150 11.21 4.17 4.36
C GLU A 150 9.88 3.63 3.85
N PHE A 151 9.79 2.31 3.70
CA PHE A 151 8.56 1.66 3.32
C PHE A 151 7.40 2.01 4.27
N VAL A 152 7.60 1.84 5.58
CA VAL A 152 6.46 2.05 6.49
C VAL A 152 6.04 3.53 6.50
N THR A 153 7.02 4.40 6.34
CA THR A 153 6.75 5.85 6.35
C THR A 153 5.99 6.21 5.08
N LEU A 154 6.42 5.64 3.95
CA LEU A 154 5.65 5.88 2.72
C LEU A 154 4.22 5.31 2.75
N LYS A 155 3.98 4.17 3.43
CA LYS A 155 2.63 3.64 3.52
C LYS A 155 1.74 4.62 4.27
N ALA A 156 2.28 5.17 5.36
CA ALA A 156 1.51 6.13 6.16
C ALA A 156 1.27 7.46 5.37
N ILE A 157 2.28 7.91 4.64
CA ILE A 157 2.10 9.10 3.78
C ILE A 157 1.06 8.84 2.71
N ALA A 158 1.10 7.65 2.07
CA ALA A 158 0.08 7.33 1.05
C ALA A 158 -1.34 7.42 1.64
N LEU A 159 -1.50 6.93 2.86
CA LEU A 159 -2.78 7.05 3.56
C LEU A 159 -3.20 8.52 3.73
N ALA A 160 -2.31 9.33 4.30
CA ALA A 160 -2.62 10.75 4.60
C ALA A 160 -2.77 11.59 3.31
N ASN A 161 -2.03 11.20 2.28
CA ASN A 161 -2.03 11.98 1.02
C ASN A 161 -2.98 11.42 -0.05
N SER A 162 -4.02 10.70 0.35
CA SER A 162 -4.78 9.92 -0.62
C SER A 162 -5.83 10.68 -1.45
N ASP A 163 -6.01 11.98 -1.21
CA ASP A 163 -6.83 12.85 -2.09
C ASP A 163 -8.32 12.48 -2.15
N SER A 164 -8.84 12.02 -1.01
CA SER A 164 -10.29 11.86 -0.91
C SER A 164 -10.96 13.19 -1.16
N MET A 165 -12.06 13.14 -1.90
CA MET A 165 -12.86 14.34 -2.16
C MET A 165 -13.87 14.60 -1.03
N HIS A 166 -13.85 13.79 0.02
CA HIS A 166 -14.92 13.80 1.01
C HIS A 166 -14.50 14.17 2.43
N ILE A 167 -13.34 14.81 2.58
CA ILE A 167 -12.78 15.12 3.89
CA ILE A 167 -12.78 15.11 3.89
C ILE A 167 -13.52 16.26 4.59
N GLU A 168 -13.84 16.05 5.87
CA GLU A 168 -14.51 17.07 6.70
C GLU A 168 -13.52 18.07 7.25
N ASP A 169 -12.47 17.57 7.90
CA ASP A 169 -11.47 18.41 8.51
C ASP A 169 -10.17 18.45 7.68
N VAL A 170 -10.19 19.25 6.62
CA VAL A 170 -9.06 19.37 5.69
C VAL A 170 -7.75 19.79 6.41
N GLU A 171 -7.85 20.74 7.33
CA GLU A 171 -6.69 21.17 8.13
C GLU A 171 -6.07 20.04 8.97
N ALA A 172 -6.92 19.19 9.56
CA ALA A 172 -6.44 18.07 10.37
C ALA A 172 -5.73 17.02 9.52
N VAL A 173 -6.28 16.75 8.35
CA VAL A 173 -5.65 15.81 7.41
C VAL A 173 -4.30 16.39 6.91
N GLN A 174 -4.27 17.70 6.63
CA GLN A 174 -3.03 18.35 6.20
CA GLN A 174 -3.04 18.35 6.20
C GLN A 174 -1.98 18.26 7.31
N LYS A 175 -2.40 18.42 8.56
CA LYS A 175 -1.51 18.24 9.69
C LYS A 175 -0.92 16.81 9.76
N LEU A 176 -1.75 15.81 9.49
CA LEU A 176 -1.28 14.43 9.47
C LEU A 176 -0.23 14.26 8.35
N GLN A 177 -0.55 14.77 7.15
CA GLN A 177 0.41 14.76 6.04
CA GLN A 177 0.42 14.77 6.03
C GLN A 177 1.74 15.36 6.51
N ASP A 178 1.66 16.49 7.21
CA ASP A 178 2.87 17.19 7.61
CA ASP A 178 2.83 17.22 7.69
C ASP A 178 3.72 16.44 8.64
N VAL A 179 3.08 15.84 9.65
CA VAL A 179 3.78 15.06 10.67
C VAL A 179 4.55 13.90 10.02
N LEU A 180 3.92 13.22 9.08
CA LEU A 180 4.55 12.07 8.41
C LEU A 180 5.62 12.51 7.41
N HIS A 181 5.33 13.55 6.64
CA HIS A 181 6.38 14.14 5.81
C HIS A 181 7.63 14.58 6.60
N GLU A 182 7.42 15.28 7.72
CA GLU A 182 8.55 15.69 8.57
C GLU A 182 9.34 14.46 9.03
N ALA A 183 8.63 13.39 9.34
CA ALA A 183 9.32 12.16 9.78
C ALA A 183 10.24 11.60 8.70
N LEU A 184 9.74 11.54 7.47
CA LEU A 184 10.55 11.16 6.32
C LEU A 184 11.76 12.10 6.12
N GLN A 185 11.50 13.40 6.18
CA GLN A 185 12.58 14.39 6.06
C GLN A 185 13.67 14.15 7.08
N ASP A 186 13.24 13.99 8.33
CA ASP A 186 14.16 13.84 9.45
CA ASP A 186 14.17 13.81 9.46
C ASP A 186 14.96 12.55 9.33
N TYR A 187 14.26 11.47 9.00
CA TYR A 187 14.90 10.19 8.81
C TYR A 187 15.99 10.31 7.74
N GLU A 188 15.68 10.93 6.62
CA GLU A 188 16.61 10.97 5.51
C GLU A 188 17.81 11.90 5.82
N ALA A 189 17.55 12.96 6.58
CA ALA A 189 18.61 13.92 6.94
C ALA A 189 19.61 13.25 7.89
N GLY A 190 19.12 12.34 8.71
CA GLY A 190 19.99 11.62 9.66
C GLY A 190 20.70 10.41 9.08
N GLN A 191 19.96 9.63 8.30
CA GLN A 191 20.41 8.32 7.80
CA GLN A 191 20.44 8.34 7.83
C GLN A 191 21.09 8.38 6.45
N HIS A 192 20.74 9.40 5.66
CA HIS A 192 21.22 9.48 4.28
CA HIS A 192 21.21 9.48 4.27
C HIS A 192 21.83 10.82 3.90
N MET A 193 22.82 11.24 4.69
CA MET A 193 23.52 12.50 4.42
C MET A 193 24.19 12.54 3.05
N GLU A 194 24.48 11.38 2.47
CA GLU A 194 25.14 11.31 1.17
C GLU A 194 24.22 11.79 0.03
N ASP A 195 22.92 11.81 0.31
CA ASP A 195 21.93 12.23 -0.67
C ASP A 195 20.94 13.20 -0.02
N PRO A 196 21.24 14.50 -0.07
CA PRO A 196 20.36 15.52 0.52
C PRO A 196 19.00 15.63 -0.17
N ARG A 197 18.79 14.85 -1.22
CA ARG A 197 17.52 14.87 -1.94
CA ARG A 197 17.51 14.87 -1.93
C ARG A 197 16.76 13.54 -1.87
N ARG A 198 17.21 12.65 -0.99
CA ARG A 198 16.56 11.31 -0.92
C ARG A 198 15.09 11.35 -0.48
N ALA A 199 14.73 12.19 0.48
CA ALA A 199 13.30 12.27 0.89
C ALA A 199 12.45 12.63 -0.31
N GLY A 200 12.90 13.64 -1.04
CA GLY A 200 12.15 14.06 -2.23
C GLY A 200 12.05 12.97 -3.29
N LYS A 201 13.14 12.21 -3.50
CA LYS A 201 13.13 11.10 -4.42
C LYS A 201 12.08 10.06 -3.99
N MET A 202 12.00 9.83 -2.69
CA MET A 202 11.01 8.91 -2.16
C MET A 202 9.60 9.43 -2.47
N LEU A 203 9.37 10.71 -2.24
CA LEU A 203 8.03 11.28 -2.53
C LEU A 203 7.72 11.18 -4.01
N MET A 204 8.74 11.28 -4.85
CA MET A 204 8.56 11.22 -6.30
CA MET A 204 8.51 11.22 -6.29
C MET A 204 8.22 9.82 -6.83
N THR A 205 8.30 8.81 -5.94
CA THR A 205 7.84 7.45 -6.31
C THR A 205 6.33 7.29 -6.17
N LEU A 206 5.70 8.25 -5.46
CA LEU A 206 4.27 8.14 -5.15
C LEU A 206 3.37 8.24 -6.41
N PRO A 207 3.72 9.10 -7.39
CA PRO A 207 2.87 9.12 -8.59
C PRO A 207 2.72 7.76 -9.30
N LEU A 208 3.80 6.98 -9.43
CA LEU A 208 3.68 5.67 -10.09
C LEU A 208 2.82 4.73 -9.23
N LEU A 209 2.94 4.84 -7.90
CA LEU A 209 2.07 4.04 -7.02
C LEU A 209 0.60 4.39 -7.25
N ARG A 210 0.30 5.69 -7.34
CA ARG A 210 -1.06 6.15 -7.56
C ARG A 210 -1.61 5.68 -8.91
N GLN A 211 -0.77 5.81 -9.94
CA GLN A 211 -1.13 5.37 -11.28
CA GLN A 211 -1.09 5.36 -11.30
C GLN A 211 -1.48 3.88 -11.30
N THR A 212 -0.64 3.06 -10.69
CA THR A 212 -0.83 1.61 -10.67
C THR A 212 -2.08 1.23 -9.85
N SER A 213 -2.28 1.91 -8.72
CA SER A 213 -3.51 1.77 -7.91
CA SER A 213 -3.50 1.70 -7.95
C SER A 213 -4.77 2.09 -8.72
N THR A 214 -4.72 3.20 -9.48
CA THR A 214 -5.87 3.71 -10.24
C THR A 214 -6.31 2.65 -11.25
N LYS A 215 -5.32 2.06 -11.89
CA LYS A 215 -5.56 1.03 -12.90
CA LYS A 215 -5.55 1.03 -12.90
C LYS A 215 -6.03 -0.26 -12.26
N ALA A 216 -5.48 -0.59 -11.09
CA ALA A 216 -5.88 -1.81 -10.38
C ALA A 216 -7.33 -1.72 -9.91
N VAL A 217 -7.74 -0.56 -9.42
CA VAL A 217 -9.14 -0.37 -9.00
C VAL A 217 -10.09 -0.56 -10.20
N GLN A 218 -9.75 0.05 -11.33
CA GLN A 218 -10.62 -0.09 -12.50
CA GLN A 218 -10.57 -0.08 -12.53
C GLN A 218 -10.69 -1.54 -12.96
N HIS A 219 -9.55 -2.24 -12.96
CA HIS A 219 -9.50 -3.65 -13.34
C HIS A 219 -10.39 -4.54 -12.48
N PHE A 220 -10.28 -4.39 -11.16
CA PHE A 220 -11.06 -5.22 -10.28
C PHE A 220 -12.50 -4.80 -10.18
N TYR A 221 -12.78 -3.53 -10.48
CA TYR A 221 -14.16 -3.12 -10.60
C TYR A 221 -14.81 -3.83 -11.79
N ASN A 222 -14.09 -3.91 -12.91
CA ASN A 222 -14.57 -4.62 -14.10
C ASN A 222 -14.82 -6.09 -13.78
N ILE A 223 -13.90 -6.71 -13.06
CA ILE A 223 -14.03 -8.10 -12.60
C ILE A 223 -15.24 -8.24 -11.66
N LYS A 224 -15.45 -7.24 -10.80
CA LYS A 224 -16.63 -7.24 -9.92
C LYS A 224 -17.93 -7.25 -10.72
N LEU A 225 -17.99 -6.44 -11.77
CA LEU A 225 -19.18 -6.31 -12.59
C LEU A 225 -19.44 -7.57 -13.40
N GLU A 226 -18.38 -8.21 -13.89
CA GLU A 226 -18.46 -9.46 -14.66
C GLU A 226 -19.01 -10.66 -13.87
N GLY A 227 -18.94 -10.56 -12.54
CA GLY A 227 -19.66 -11.46 -11.65
C GLY A 227 -19.16 -12.88 -11.51
N LYS A 228 -18.01 -13.18 -12.12
CA LYS A 228 -17.46 -14.55 -12.11
C LYS A 228 -16.56 -14.85 -10.90
N VAL A 229 -16.10 -13.80 -10.22
CA VAL A 229 -15.17 -13.96 -9.09
C VAL A 229 -15.83 -13.49 -7.81
N PRO A 230 -15.99 -14.42 -6.84
CA PRO A 230 -16.62 -14.16 -5.55
C PRO A 230 -15.79 -13.17 -4.74
N MET A 231 -16.45 -12.20 -4.12
CA MET A 231 -15.75 -11.17 -3.34
C MET A 231 -16.45 -10.94 -2.03
N HIS A 232 -15.67 -10.77 -0.97
CA HIS A 232 -16.19 -10.55 0.36
C HIS A 232 -16.60 -9.11 0.59
N LYS A 233 -17.38 -8.90 1.64
CA LYS A 233 -18.09 -7.67 1.91
C LYS A 233 -17.18 -6.44 2.04
N LEU A 234 -16.16 -6.55 2.87
CA LEU A 234 -15.25 -5.40 3.11
C LEU A 234 -14.53 -4.98 1.82
N PHE A 235 -13.98 -5.96 1.11
CA PHE A 235 -13.33 -5.69 -0.17
C PHE A 235 -14.30 -5.03 -1.13
N LEU A 236 -15.54 -5.53 -1.18
CA LEU A 236 -16.57 -4.93 -2.04
C LEU A 236 -16.90 -3.50 -1.64
N GLU A 237 -16.97 -3.24 -0.33
CA GLU A 237 -17.25 -1.91 0.19
C GLU A 237 -16.15 -0.94 -0.22
N MET A 238 -14.90 -1.41 -0.13
CA MET A 238 -13.75 -0.58 -0.47
C MET A 238 -13.67 -0.30 -1.97
N LEU A 239 -13.95 -1.33 -2.77
CA LEU A 239 -13.97 -1.20 -4.24
CA LEU A 239 -13.93 -1.17 -4.22
C LEU A 239 -15.05 -0.24 -4.70
N GLU A 240 -16.23 -0.39 -4.09
CA GLU A 240 -17.40 0.43 -4.43
C GLU A 240 -17.26 1.87 -3.94
N ALA A 241 -16.44 2.08 -2.91
CA ALA A 241 -16.11 3.43 -2.43
C ALA A 241 -15.30 4.27 -3.44
N LYS A 242 -14.86 3.66 -4.55
CA LYS A 242 -14.31 4.48 -5.65
C LYS A 242 -15.08 4.37 -6.98
N CYS A 244 -12.58 9.13 -8.21
#